data_9FLT
#
_entry.id   9FLT
#
_cell.length_a   75.558
_cell.length_b   75.891
_cell.length_c   84.160
_cell.angle_alpha   90.00
_cell.angle_beta   90.00
_cell.angle_gamma   90.00
#
_symmetry.space_group_name_H-M   'P 21 21 21'
#
loop_
_entity.id
_entity.type
_entity.pdbx_description
1 polymer 'Serine/threonine-protein kinase haspin'
2 non-polymer ~{N}-(1,4-dimethylpyrazol-3-yl)-3-pyridin-4-yl-thieno[3,2-b]pyridin-5-amine
3 non-polymer 'NICKEL (II) ION'
4 water water
#
_entity_poly.entity_id   1
_entity_poly.type   'polypeptide(L)'
_entity_poly.pdbx_seq_one_letter_code
;SMGECSQKGPVPFSHCLPTEKLQRCEKIGEGVFGEVFQTIADHTPVAIKIIAIEGPDLVNGSHQKTFEEILPEIIISKEL
SLLSGEVCNRTEGFIGLNSVHCVQGSYPPLLLKAWDHYNSTKGSANDRPDFFKDDQLFIVLEFEFGGIDLEQMRTKLSSL
ATAKSILHQLTASLAVAEASLRFEHRDLHWGNVLLKKTSLKKLHYTLNGKSSTIPSCGLQVSIIDYTLSRLERDGIVVFC
DVSMDEDLFTGDGDYQFDIYRLMKKENNNRWGEYHPYSNVLWLHYLTDKMLKQMTFKTKCNTPAMKQIKRKIQEFHRTML
NFSSATDLLCQHSLFK
;
_entity_poly.pdbx_strand_id   A
#
# COMPACT_ATOMS: atom_id res chain seq x y z
N GLY A 9 14.07 -15.93 22.00
CA GLY A 9 14.91 -14.72 21.96
C GLY A 9 14.91 -14.04 20.59
N PRO A 10 15.57 -12.87 20.44
CA PRO A 10 15.87 -12.32 19.13
C PRO A 10 16.86 -13.21 18.37
N VAL A 11 16.99 -12.96 17.06
CA VAL A 11 17.87 -13.71 16.18
C VAL A 11 18.84 -12.71 15.58
N PRO A 12 20.05 -13.12 15.17
CA PRO A 12 20.95 -12.22 14.45
C PRO A 12 20.45 -11.90 13.04
N PHE A 13 20.87 -10.75 12.51
CA PHE A 13 20.51 -10.34 11.16
C PHE A 13 20.70 -11.49 10.15
N SER A 14 21.73 -12.32 10.36
CA SER A 14 22.09 -13.42 9.46
C SER A 14 21.01 -14.48 9.36
N HIS A 15 20.17 -14.61 10.39
CA HIS A 15 19.05 -15.52 10.33
C HIS A 15 18.07 -15.10 9.24
N CYS A 16 17.82 -13.80 9.14
CA CYS A 16 16.93 -13.27 8.12
C CYS A 16 17.66 -12.98 6.81
N LEU A 17 18.96 -12.71 6.89
CA LEU A 17 19.67 -12.18 5.74
C LEU A 17 21.01 -12.89 5.62
N PRO A 18 20.97 -14.19 5.28
CA PRO A 18 22.20 -14.95 5.03
C PRO A 18 23.00 -14.31 3.88
N THR A 19 24.28 -14.67 3.79
CA THR A 19 25.25 -13.94 2.99
C THR A 19 24.70 -13.53 1.62
N GLU A 20 24.28 -14.52 0.83
CA GLU A 20 23.92 -14.29 -0.56
C GLU A 20 22.68 -13.41 -0.64
N LYS A 21 21.72 -13.60 0.28
CA LYS A 21 20.50 -12.80 0.30
C LYS A 21 20.85 -11.34 0.62
N LEU A 22 21.75 -11.17 1.56
CA LEU A 22 22.24 -9.86 1.98
C LEU A 22 23.03 -9.20 0.84
N GLN A 23 23.78 -9.99 0.07
CA GLN A 23 24.58 -9.46 -1.00
C GLN A 23 23.71 -8.88 -2.11
N ARG A 24 22.48 -9.37 -2.22
CA ARG A 24 21.63 -8.99 -3.32
C ARG A 24 20.66 -7.89 -2.89
N CYS A 25 20.71 -7.45 -1.62
CA CYS A 25 19.84 -6.39 -1.11
C CYS A 25 20.13 -5.04 -1.76
N GLU A 26 19.10 -4.42 -2.34
CA GLU A 26 19.08 -3.02 -2.81
C GLU A 26 18.00 -2.24 -2.09
N LYS A 27 18.32 -1.04 -1.60
CA LYS A 27 17.28 -0.19 -1.04
C LYS A 27 16.36 0.31 -2.16
N ILE A 28 15.04 0.15 -1.97
CA ILE A 28 14.04 0.62 -2.93
C ILE A 28 13.12 1.69 -2.32
N GLY A 29 13.23 1.90 -1.03
CA GLY A 29 12.27 2.85 -0.43
C GLY A 29 12.45 2.98 1.05
N GLU A 30 11.63 3.82 1.64
CA GLU A 30 11.78 4.07 3.09
C GLU A 30 10.53 4.71 3.65
N GLY A 31 10.46 4.79 4.97
CA GLY A 31 9.37 5.48 5.64
C GLY A 31 9.99 6.35 6.72
N VAL A 32 9.17 6.96 7.55
CA VAL A 32 9.71 7.88 8.59
C VAL A 32 10.50 7.04 9.58
N PHE A 33 10.16 5.76 9.69
CA PHE A 33 10.81 4.89 10.68
C PHE A 33 11.17 3.57 10.01
N GLY A 34 11.53 3.60 8.74
CA GLY A 34 11.72 2.31 8.09
C GLY A 34 12.57 2.32 6.85
N GLU A 35 13.19 1.18 6.58
CA GLU A 35 14.02 1.04 5.37
C GLU A 35 13.50 -0.19 4.62
N VAL A 36 13.26 -0.04 3.33
CA VAL A 36 12.72 -1.16 2.51
C VAL A 36 13.80 -1.63 1.54
N PHE A 37 14.15 -2.91 1.61
CA PHE A 37 15.11 -3.50 0.69
C PHE A 37 14.44 -4.54 -0.18
N GLN A 38 14.91 -4.63 -1.41
CA GLN A 38 14.50 -5.67 -2.32
C GLN A 38 15.64 -6.67 -2.34
N THR A 39 15.33 -7.97 -2.45
CA THR A 39 16.37 -8.99 -2.62
C THR A 39 15.74 -10.24 -3.23
N ILE A 40 16.58 -11.29 -3.30
CA ILE A 40 16.21 -12.59 -3.83
C ILE A 40 16.41 -13.60 -2.71
N ALA A 41 15.41 -14.45 -2.50
CA ALA A 41 15.55 -15.59 -1.59
C ALA A 41 14.97 -16.82 -2.26
N ASP A 42 15.78 -17.88 -2.36
CA ASP A 42 15.35 -19.09 -3.06
C ASP A 42 14.73 -18.70 -4.40
N HIS A 43 15.50 -17.92 -5.18
CA HIS A 43 15.14 -17.57 -6.54
C HIS A 43 13.85 -16.76 -6.63
N THR A 44 13.45 -16.09 -5.54
CA THR A 44 12.16 -15.41 -5.48
C THR A 44 12.36 -14.00 -4.92
N PRO A 45 11.90 -12.96 -5.65
CA PRO A 45 12.08 -11.58 -5.21
C PRO A 45 11.25 -11.34 -3.95
N VAL A 46 11.81 -10.57 -3.01
CA VAL A 46 11.09 -10.23 -1.81
C VAL A 46 11.37 -8.78 -1.44
N ALA A 47 10.50 -8.22 -0.61
CA ALA A 47 10.68 -6.87 -0.13
C ALA A 47 10.75 -6.94 1.39
N ILE A 48 11.83 -6.39 1.94
CA ILE A 48 12.12 -6.50 3.36
C ILE A 48 11.91 -5.11 3.95
N LYS A 49 11.11 -5.02 5.02
CA LYS A 49 11.03 -3.79 5.77
C LYS A 49 11.69 -3.98 7.14
N ILE A 50 12.57 -3.04 7.53
CA ILE A 50 13.33 -3.12 8.78
C ILE A 50 13.04 -1.90 9.64
N ILE A 51 12.43 -2.11 10.80
CA ILE A 51 12.06 -1.01 11.72
C ILE A 51 12.78 -1.19 13.05
N ALA A 52 13.45 -0.15 13.54
CA ALA A 52 14.13 -0.23 14.85
C ALA A 52 13.10 -0.13 15.97
N ILE A 53 13.32 -0.89 17.04
CA ILE A 53 12.33 -0.93 18.16
C ILE A 53 13.02 -0.54 19.47
N GLU A 54 12.26 0.01 20.42
CA GLU A 54 12.78 0.42 21.74
C GLU A 54 13.91 1.44 21.54
N GLY A 55 14.92 1.40 22.40
CA GLY A 55 16.07 2.33 22.27
C GLY A 55 15.90 3.56 23.14
N GLN A 64 12.14 7.07 16.77
CA GLN A 64 12.01 5.60 16.58
C GLN A 64 10.78 5.10 17.33
N LYS A 65 10.22 3.96 16.92
CA LYS A 65 8.93 3.49 17.50
C LYS A 65 9.14 2.40 18.57
N THR A 66 8.14 2.22 19.41
CA THR A 66 8.19 1.16 20.45
C THR A 66 7.57 -0.10 19.86
N PHE A 67 7.68 -1.24 20.55
CA PHE A 67 7.01 -2.44 20.00
C PHE A 67 5.51 -2.18 19.91
N GLU A 68 4.92 -1.67 20.97
CA GLU A 68 3.48 -1.46 20.96
C GLU A 68 3.10 -0.60 19.77
N GLU A 69 3.92 0.38 19.43
CA GLU A 69 3.64 1.24 18.28
C GLU A 69 3.80 0.51 16.94
N ILE A 70 4.50 -0.64 16.90
CA ILE A 70 4.74 -1.33 15.63
C ILE A 70 3.76 -2.48 15.47
N LEU A 71 3.31 -3.08 16.56
CA LEU A 71 2.40 -4.21 16.51
C LEU A 71 1.24 -3.96 15.53
N PRO A 72 0.51 -2.82 15.55
CA PRO A 72 -0.59 -2.61 14.61
C PRO A 72 -0.24 -2.87 13.15
N GLU A 73 0.89 -2.35 12.70
CA GLU A 73 1.36 -2.63 11.36
C GLU A 73 1.53 -4.14 11.17
N ILE A 74 1.97 -4.87 12.21
CA ILE A 74 2.22 -6.29 12.04
C ILE A 74 0.88 -7.00 11.84
N ILE A 75 -0.08 -6.73 12.76
CA ILE A 75 -1.39 -7.34 12.73
C ILE A 75 -2.10 -7.03 11.40
N ILE A 76 -2.06 -5.77 10.98
CA ILE A 76 -2.74 -5.37 9.76
C ILE A 76 -2.08 -6.05 8.56
N SER A 77 -0.76 -6.04 8.51
CA SER A 77 -0.07 -6.71 7.41
C SER A 77 -0.54 -8.17 7.34
N LYS A 78 -0.65 -8.80 8.51
CA LYS A 78 -1.05 -10.19 8.61
C LYS A 78 -2.48 -10.38 8.09
N GLU A 79 -3.44 -9.60 8.61
CA GLU A 79 -4.85 -9.78 8.25
C GLU A 79 -5.07 -9.56 6.76
N LEU A 80 -4.45 -8.53 6.19
CA LEU A 80 -4.67 -8.23 4.79
C LEU A 80 -4.02 -9.29 3.91
N SER A 81 -2.93 -9.89 4.40
CA SER A 81 -2.26 -10.92 3.63
C SER A 81 -3.18 -12.15 3.52
N LEU A 82 -3.93 -12.43 4.61
CA LEU A 82 -4.76 -13.61 4.70
C LEU A 82 -5.92 -13.54 3.70
N LEU A 83 -6.33 -12.33 3.27
CA LEU A 83 -7.46 -12.20 2.37
C LEU A 83 -7.22 -12.92 1.05
N SER A 84 -5.96 -13.17 0.68
CA SER A 84 -5.71 -13.82 -0.60
C SER A 84 -6.16 -15.27 -0.64
N GLY A 85 -6.28 -15.92 0.53
CA GLY A 85 -6.68 -17.31 0.64
C GLY A 85 -7.98 -17.51 1.41
N GLU A 86 -8.81 -16.47 1.55
CA GLU A 86 -10.11 -16.65 2.20
C GLU A 86 -11.15 -17.04 1.15
N VAL A 87 -12.44 -17.13 1.53
CA VAL A 87 -13.50 -17.62 0.65
C VAL A 87 -14.63 -16.59 0.46
N CYS A 88 -15.31 -16.17 1.54
CA CYS A 88 -16.40 -15.20 1.49
C CYS A 88 -15.91 -13.79 1.13
N ASN A 89 -14.77 -13.42 1.69
CA ASN A 89 -14.15 -12.13 1.39
C ASN A 89 -12.71 -12.39 0.99
N ARG A 90 -12.45 -12.30 -0.33
CA ARG A 90 -11.21 -12.80 -0.89
C ARG A 90 -10.67 -11.78 -1.88
N THR A 91 -9.38 -11.43 -1.72
CA THR A 91 -8.68 -10.54 -2.63
C THR A 91 -7.16 -10.76 -2.54
N GLU A 92 -6.49 -10.63 -3.70
CA GLU A 92 -5.03 -10.62 -3.75
C GLU A 92 -4.52 -9.19 -3.82
N GLY A 93 -5.41 -8.20 -3.66
CA GLY A 93 -5.08 -6.83 -3.99
C GLY A 93 -4.19 -6.13 -2.96
N PHE A 94 -3.90 -6.80 -1.83
CA PHE A 94 -2.87 -6.33 -0.91
C PHE A 94 -1.80 -7.41 -1.04
N ILE A 95 -0.73 -7.30 -0.24
CA ILE A 95 0.59 -7.88 -0.46
C ILE A 95 0.79 -9.03 0.54
N GLY A 96 1.39 -10.13 0.04
CA GLY A 96 1.70 -11.28 0.87
C GLY A 96 2.71 -10.96 1.95
N LEU A 97 2.45 -11.41 3.17
CA LEU A 97 3.42 -11.38 4.26
C LEU A 97 3.98 -12.79 4.43
N ASN A 98 5.28 -12.95 4.24
CA ASN A 98 5.93 -14.25 4.37
C ASN A 98 6.40 -14.49 5.79
N SER A 99 6.93 -13.47 6.48
CA SER A 99 7.49 -13.70 7.82
C SER A 99 7.76 -12.40 8.57
N VAL A 100 7.83 -12.56 9.90
CA VAL A 100 8.09 -11.49 10.84
C VAL A 100 9.17 -11.96 11.81
N HIS A 101 10.18 -11.15 12.06
CA HIS A 101 11.25 -11.57 12.96
C HIS A 101 11.66 -10.38 13.81
N CYS A 102 12.06 -10.70 15.02
CA CYS A 102 12.72 -9.73 15.87
C CYS A 102 14.21 -10.02 15.82
N VAL A 103 14.96 -9.04 15.32
CA VAL A 103 16.38 -9.20 15.02
C VAL A 103 17.17 -8.33 15.98
N GLN A 104 18.36 -8.81 16.36
CA GLN A 104 19.24 -8.05 17.23
C GLN A 104 20.62 -7.89 16.61
N GLY A 105 21.15 -6.68 16.73
CA GLY A 105 22.50 -6.44 16.21
C GLY A 105 22.64 -5.08 15.57
N SER A 106 23.88 -4.74 15.23
CA SER A 106 24.17 -3.47 14.52
C SER A 106 23.75 -3.64 13.07
N TYR A 107 23.49 -2.54 12.38
CA TYR A 107 23.09 -2.60 10.95
C TYR A 107 24.19 -3.27 10.17
N PRO A 108 23.82 -4.29 9.38
CA PRO A 108 24.76 -4.92 8.46
C PRO A 108 25.42 -3.90 7.52
N PRO A 109 26.75 -3.90 7.44
CA PRO A 109 27.46 -3.00 6.54
C PRO A 109 27.00 -3.09 5.07
N LEU A 110 26.64 -4.28 4.60
CA LEU A 110 26.14 -4.40 3.24
C LEU A 110 24.82 -3.65 3.08
N LEU A 111 23.99 -3.60 4.14
CA LEU A 111 22.76 -2.83 4.12
C LEU A 111 23.07 -1.32 4.10
N LEU A 112 24.09 -0.89 4.88
CA LEU A 112 24.55 0.49 4.89
C LEU A 112 25.00 0.95 3.49
N LYS A 113 25.77 0.08 2.81
CA LYS A 113 26.25 0.33 1.46
C LYS A 113 25.06 0.51 0.52
N ALA A 114 24.02 -0.32 0.70
CA ALA A 114 22.86 -0.24 -0.17
C ALA A 114 22.08 1.03 0.16
N TRP A 115 22.10 1.36 1.46
CA TRP A 115 21.47 2.57 1.98
C TRP A 115 22.12 3.80 1.33
N ASP A 116 23.45 3.85 1.35
CA ASP A 116 24.23 4.92 0.75
C ASP A 116 23.92 5.05 -0.75
N HIS A 117 23.82 3.94 -1.46
CA HIS A 117 23.63 3.99 -2.91
C HIS A 117 22.32 4.73 -3.20
N TYR A 118 21.28 4.43 -2.41
CA TYR A 118 19.98 5.05 -2.55
C TYR A 118 20.06 6.53 -2.18
N ASN A 119 20.87 6.86 -1.17
CA ASN A 119 20.96 8.25 -0.79
C ASN A 119 21.61 9.05 -1.93
N SER A 120 22.67 8.49 -2.55
CA SER A 120 23.37 9.10 -3.66
C SER A 120 22.52 9.29 -4.91
N THR A 121 21.55 8.41 -5.15
CA THR A 121 20.77 8.46 -6.41
C THR A 121 19.42 9.14 -6.21
N LYS A 122 18.70 8.77 -5.16
CA LYS A 122 17.32 9.30 -5.00
C LYS A 122 17.27 10.29 -3.84
N GLY A 123 18.15 10.14 -2.87
CA GLY A 123 18.10 11.00 -1.67
C GLY A 123 17.25 10.41 -0.57
N SER A 124 17.80 10.32 0.63
CA SER A 124 17.03 9.79 1.79
C SER A 124 16.67 10.91 2.75
N ALA A 125 15.52 10.79 3.38
CA ALA A 125 15.13 11.75 4.43
C ALA A 125 15.36 11.08 5.78
N ASN A 126 16.02 9.91 5.76
CA ASN A 126 16.29 9.27 7.04
C ASN A 126 17.73 9.48 7.52
N ASP A 127 17.92 9.11 8.77
CA ASP A 127 19.26 9.06 9.34
C ASP A 127 19.95 7.81 8.83
N ARG A 128 21.18 7.98 8.34
CA ARG A 128 22.04 6.84 8.05
C ARG A 128 22.07 5.92 9.27
N PRO A 129 21.62 4.66 9.12
CA PRO A 129 21.48 3.77 10.27
C PRO A 129 22.78 3.09 10.76
N ASP A 130 23.81 3.91 11.03
CA ASP A 130 25.13 3.43 11.40
C ASP A 130 25.41 3.64 12.89
N PHE A 131 24.43 4.15 13.64
CA PHE A 131 24.63 4.53 15.03
C PHE A 131 24.06 3.47 15.98
N PHE A 132 23.43 2.44 15.41
CA PHE A 132 22.81 1.39 16.20
C PHE A 132 23.90 0.48 16.74
N LYS A 133 23.79 0.10 18.02
CA LYS A 133 24.74 -0.81 18.64
C LYS A 133 24.28 -2.25 18.45
N ASP A 134 25.07 -3.18 18.99
CA ASP A 134 24.90 -4.60 18.76
C ASP A 134 23.80 -5.20 19.65
N ASP A 135 23.27 -4.46 20.65
CA ASP A 135 22.05 -4.85 21.36
C ASP A 135 20.78 -4.23 20.77
N GLN A 136 20.85 -3.58 19.61
CA GLN A 136 19.68 -2.94 19.02
C GLN A 136 18.71 -4.00 18.48
N LEU A 137 17.41 -3.85 18.81
CA LEU A 137 16.36 -4.72 18.29
C LEU A 137 15.66 -4.04 17.12
N PHE A 138 15.24 -4.88 16.19
CA PHE A 138 14.57 -4.41 14.99
C PHE A 138 13.45 -5.39 14.74
N ILE A 139 12.42 -4.94 14.02
CA ILE A 139 11.39 -5.82 13.51
C ILE A 139 11.65 -5.91 12.01
N VAL A 140 11.81 -7.14 11.50
CA VAL A 140 12.03 -7.37 10.09
C VAL A 140 10.79 -8.08 9.52
N LEU A 141 10.08 -7.38 8.65
CA LEU A 141 8.90 -7.89 7.99
C LEU A 141 9.28 -8.19 6.55
N GLU A 142 9.04 -9.44 6.14
CA GLU A 142 9.40 -9.86 4.80
C GLU A 142 8.12 -10.11 4.01
N PHE A 143 7.99 -9.43 2.87
CA PHE A 143 6.81 -9.53 2.05
C PHE A 143 7.14 -10.07 0.67
N GLU A 144 6.12 -10.57 0.01
CA GLU A 144 6.15 -10.81 -1.41
C GLU A 144 6.57 -9.48 -2.05
N PHE A 145 7.23 -9.55 -3.21
CA PHE A 145 7.51 -8.37 -3.99
C PHE A 145 6.29 -8.02 -4.85
N GLY A 146 5.76 -6.80 -4.66
CA GLY A 146 4.53 -6.37 -5.28
C GLY A 146 4.68 -5.66 -6.61
N GLY A 147 5.89 -5.15 -6.90
CA GLY A 147 6.18 -4.50 -8.17
C GLY A 147 6.63 -3.04 -7.99
N ILE A 148 6.22 -2.19 -8.94
CA ILE A 148 6.71 -0.84 -8.96
C ILE A 148 5.52 0.11 -8.87
N ASP A 149 5.70 1.21 -8.14
CA ASP A 149 4.59 2.06 -7.77
C ASP A 149 4.06 2.83 -8.98
N LEU A 150 2.80 3.25 -8.85
CA LEU A 150 2.04 3.90 -9.89
C LEU A 150 2.69 5.22 -10.29
N GLU A 151 3.32 5.93 -9.34
CA GLU A 151 3.97 7.19 -9.61
C GLU A 151 5.11 6.97 -10.63
N GLN A 152 5.96 5.96 -10.40
CA GLN A 152 7.01 5.64 -11.34
C GLN A 152 6.42 5.24 -12.69
N MET A 153 5.19 4.73 -12.70
CA MET A 153 4.53 4.26 -13.91
C MET A 153 3.68 5.36 -14.57
N ARG A 154 3.82 6.59 -14.08
CA ARG A 154 3.07 7.76 -14.54
C ARG A 154 3.02 7.86 -16.06
N THR A 155 4.13 7.54 -16.75
CA THR A 155 4.25 7.71 -18.19
C THR A 155 4.26 6.36 -18.92
N LYS A 156 4.19 5.26 -18.17
CA LYS A 156 4.49 3.95 -18.75
C LYS A 156 3.21 3.13 -18.98
N LEU A 157 2.05 3.51 -18.42
CA LEU A 157 0.85 2.73 -18.62
C LEU A 157 0.39 2.85 -20.08
N SER A 158 -0.38 1.86 -20.50
CA SER A 158 -0.66 1.65 -21.92
C SER A 158 -1.87 2.44 -22.38
N SER A 159 -2.99 2.38 -21.64
CA SER A 159 -4.17 3.12 -22.05
C SER A 159 -5.01 3.44 -20.83
N LEU A 160 -6.14 4.12 -21.07
CA LEU A 160 -7.08 4.43 -20.00
C LEU A 160 -7.87 3.17 -19.60
N ALA A 161 -7.90 2.16 -20.47
CA ALA A 161 -8.39 0.83 -20.12
C ALA A 161 -7.61 0.26 -18.93
N THR A 162 -6.29 0.43 -18.97
CA THR A 162 -5.46 0.02 -17.85
C THR A 162 -5.85 0.79 -16.60
N ALA A 163 -6.05 2.10 -16.77
CA ALA A 163 -6.33 2.96 -15.63
C ALA A 163 -7.63 2.52 -14.96
N LYS A 164 -8.61 2.13 -15.79
CA LYS A 164 -9.89 1.65 -15.30
C LYS A 164 -9.72 0.35 -14.53
N SER A 165 -8.92 -0.58 -15.10
CA SER A 165 -8.59 -1.84 -14.42
C SER A 165 -7.99 -1.54 -13.04
N ILE A 166 -7.00 -0.63 -13.02
CA ILE A 166 -6.34 -0.32 -11.76
C ILE A 166 -7.34 0.19 -10.71
N LEU A 167 -8.21 1.12 -11.09
CA LEU A 167 -9.17 1.67 -10.14
C LEU A 167 -10.14 0.57 -9.66
N HIS A 168 -10.56 -0.30 -10.59
CA HIS A 168 -11.46 -1.40 -10.28
C HIS A 168 -10.78 -2.35 -9.29
N GLN A 169 -9.50 -2.67 -9.52
CA GLN A 169 -8.75 -3.54 -8.61
C GLN A 169 -8.63 -2.89 -7.23
N LEU A 170 -8.23 -1.62 -7.18
CA LEU A 170 -8.15 -0.93 -5.90
C LEU A 170 -9.50 -0.93 -5.14
N THR A 171 -10.60 -0.63 -5.85
CA THR A 171 -11.91 -0.42 -5.26
C THR A 171 -12.40 -1.72 -4.65
N ALA A 172 -12.23 -2.81 -5.43
CA ALA A 172 -12.60 -4.14 -4.99
C ALA A 172 -11.78 -4.56 -3.77
N SER A 173 -10.48 -4.35 -3.85
CA SER A 173 -9.61 -4.75 -2.76
C SER A 173 -10.03 -4.04 -1.47
N LEU A 174 -10.26 -2.72 -1.53
CA LEU A 174 -10.75 -2.02 -0.35
C LEU A 174 -12.14 -2.52 0.09
N ALA A 175 -13.08 -2.74 -0.85
CA ALA A 175 -14.39 -3.27 -0.55
C ALA A 175 -14.32 -4.56 0.28
N VAL A 176 -13.52 -5.50 -0.20
CA VAL A 176 -13.36 -6.75 0.50
C VAL A 176 -12.80 -6.56 1.90
N ALA A 177 -11.79 -5.69 2.04
CA ALA A 177 -11.23 -5.39 3.35
C ALA A 177 -12.23 -4.67 4.26
N GLU A 178 -13.06 -3.78 3.69
CA GLU A 178 -14.16 -3.19 4.45
C GLU A 178 -15.10 -4.28 4.99
N ALA A 179 -15.54 -5.20 4.11
CA ALA A 179 -16.52 -6.23 4.44
C ALA A 179 -15.96 -7.19 5.51
N SER A 180 -14.69 -7.49 5.39
CA SER A 180 -14.06 -8.50 6.19
C SER A 180 -13.58 -7.94 7.52
N LEU A 181 -13.01 -6.73 7.53
CA LEU A 181 -12.18 -6.23 8.64
C LEU A 181 -12.51 -4.78 9.00
N ARG A 182 -13.47 -4.13 8.32
CA ARG A 182 -13.73 -2.73 8.57
C ARG A 182 -12.42 -1.94 8.44
N PHE A 183 -11.75 -2.17 7.31
CA PHE A 183 -10.46 -1.58 7.02
C PHE A 183 -10.60 -0.17 6.41
N GLU A 184 -9.74 0.75 6.88
CA GLU A 184 -9.40 1.97 6.17
C GLU A 184 -7.89 1.96 5.95
N HIS A 185 -7.44 2.19 4.70
CA HIS A 185 -6.02 2.33 4.43
C HIS A 185 -5.47 3.61 5.08
N ARG A 186 -6.12 4.75 4.79
CA ARG A 186 -5.82 6.10 5.37
C ARG A 186 -4.55 6.77 4.81
N ASP A 187 -3.92 6.22 3.78
CA ASP A 187 -2.73 6.85 3.14
C ASP A 187 -2.49 6.19 1.78
N LEU A 188 -3.53 6.09 0.96
CA LEU A 188 -3.35 5.40 -0.34
C LEU A 188 -2.93 6.40 -1.41
N HIS A 189 -1.72 6.92 -1.30
CA HIS A 189 -1.18 7.82 -2.34
C HIS A 189 -0.60 6.95 -3.45
N TRP A 190 -0.26 7.53 -4.59
CA TRP A 190 0.19 6.72 -5.75
C TRP A 190 1.54 6.07 -5.51
N GLY A 191 2.18 6.37 -4.39
CA GLY A 191 3.40 5.62 -4.10
C GLY A 191 3.09 4.26 -3.47
N ASN A 192 1.89 4.12 -2.90
CA ASN A 192 1.47 2.91 -2.24
C ASN A 192 0.62 2.00 -3.12
N VAL A 193 0.61 2.23 -4.43
CA VAL A 193 -0.08 1.36 -5.36
C VAL A 193 0.99 0.72 -6.20
N LEU A 194 1.18 -0.59 -6.06
CA LEU A 194 2.19 -1.29 -6.84
C LEU A 194 1.53 -2.02 -8.01
N LEU A 195 2.32 -2.18 -9.07
CA LEU A 195 1.88 -2.81 -10.30
C LEU A 195 2.92 -3.85 -10.70
N LYS A 196 2.43 -4.94 -11.30
CA LYS A 196 3.24 -6.10 -11.60
C LYS A 196 2.55 -6.81 -12.75
N LYS A 197 3.34 -7.37 -13.67
CA LYS A 197 2.81 -8.05 -14.84
C LYS A 197 2.12 -9.34 -14.40
N THR A 198 1.03 -9.65 -15.09
CA THR A 198 0.40 -10.95 -14.97
C THR A 198 -0.04 -11.39 -16.37
N SER A 199 0.07 -12.70 -16.60
CA SER A 199 -0.39 -13.30 -17.84
C SER A 199 -1.87 -13.63 -17.74
N LEU A 200 -2.44 -13.54 -16.53
CA LEU A 200 -3.88 -13.75 -16.34
C LEU A 200 -4.69 -12.71 -17.10
N LYS A 201 -5.73 -13.14 -17.81
CA LYS A 201 -6.56 -12.21 -18.55
C LYS A 201 -7.55 -11.56 -17.56
N LYS A 202 -8.02 -12.35 -16.58
CA LYS A 202 -9.05 -11.96 -15.64
C LYS A 202 -8.60 -12.22 -14.20
N LEU A 203 -8.77 -11.23 -13.32
CA LEU A 203 -8.50 -11.38 -11.90
C LEU A 203 -9.80 -11.60 -11.15
N HIS A 204 -9.70 -12.32 -10.02
CA HIS A 204 -10.87 -12.77 -9.31
C HIS A 204 -10.88 -12.17 -7.92
N TYR A 205 -12.05 -11.76 -7.45
CA TYR A 205 -12.24 -11.45 -6.04
C TYR A 205 -13.59 -12.02 -5.63
N THR A 206 -13.81 -12.10 -4.32
CA THR A 206 -15.11 -12.51 -3.78
C THR A 206 -15.51 -11.54 -2.66
N LEU A 207 -16.68 -10.92 -2.79
CA LEU A 207 -17.21 -9.96 -1.81
C LEU A 207 -18.48 -10.54 -1.18
N ASN A 208 -18.43 -10.79 0.13
CA ASN A 208 -19.54 -11.33 0.88
C ASN A 208 -20.18 -12.48 0.11
N GLY A 209 -19.32 -13.40 -0.36
CA GLY A 209 -19.76 -14.66 -0.94
C GLY A 209 -20.01 -14.60 -2.44
N LYS A 210 -20.07 -13.40 -3.04
CA LYS A 210 -20.30 -13.24 -4.47
C LYS A 210 -18.98 -13.02 -5.21
N SER A 211 -18.62 -13.96 -6.10
CA SER A 211 -17.40 -13.91 -6.89
C SER A 211 -17.59 -13.06 -8.15
N SER A 212 -16.54 -12.33 -8.54
CA SER A 212 -16.60 -11.58 -9.79
C SER A 212 -15.20 -11.42 -10.37
N THR A 213 -15.12 -10.87 -11.58
CA THR A 213 -13.84 -10.75 -12.23
C THR A 213 -13.60 -9.32 -12.68
N ILE A 214 -12.31 -9.00 -12.81
CA ILE A 214 -11.82 -7.73 -13.30
C ILE A 214 -10.85 -8.04 -14.44
N PRO A 215 -11.00 -7.43 -15.63
CA PRO A 215 -9.97 -7.53 -16.67
C PRO A 215 -8.69 -6.87 -16.14
N SER A 216 -7.57 -7.61 -16.25
CA SER A 216 -6.30 -7.24 -15.66
C SER A 216 -5.60 -6.16 -16.49
N CYS A 217 -5.91 -6.13 -17.79
CA CYS A 217 -5.15 -5.39 -18.78
C CYS A 217 -3.65 -5.64 -18.62
N GLY A 218 -3.26 -6.84 -18.17
CA GLY A 218 -1.86 -7.21 -18.09
C GLY A 218 -1.20 -6.85 -16.78
N LEU A 219 -1.95 -6.27 -15.81
CA LEU A 219 -1.38 -5.88 -14.54
C LEU A 219 -2.21 -6.35 -13.34
N GLN A 220 -1.47 -6.61 -12.24
CA GLN A 220 -1.99 -6.95 -10.94
C GLN A 220 -1.55 -5.86 -9.96
N VAL A 221 -2.53 -5.30 -9.24
CA VAL A 221 -2.29 -4.23 -8.30
C VAL A 221 -2.06 -4.81 -6.92
N SER A 222 -1.13 -4.22 -6.15
CA SER A 222 -0.95 -4.55 -4.74
C SER A 222 -0.84 -3.29 -3.89
N ILE A 223 -1.68 -3.18 -2.85
CA ILE A 223 -1.67 -2.05 -1.93
C ILE A 223 -0.69 -2.30 -0.78
N ILE A 224 0.02 -1.26 -0.32
CA ILE A 224 1.10 -1.35 0.65
C ILE A 224 1.01 -0.17 1.60
N ASP A 225 1.95 -0.15 2.55
CA ASP A 225 2.08 0.84 3.61
C ASP A 225 0.93 1.04 4.59
N TYR A 226 0.70 0.06 5.46
CA TYR A 226 -0.38 0.09 6.45
C TYR A 226 -0.08 0.88 7.73
N THR A 227 0.79 1.86 7.57
CA THR A 227 1.38 2.59 8.68
C THR A 227 0.33 3.46 9.36
N LEU A 228 -0.70 3.93 8.63
CA LEU A 228 -1.79 4.73 9.20
C LEU A 228 -3.12 3.98 9.22
N SER A 229 -3.11 2.69 8.84
CA SER A 229 -4.32 1.91 8.59
C SER A 229 -5.07 1.57 9.88
N ARG A 230 -6.32 1.14 9.68
CA ARG A 230 -7.25 0.83 10.75
C ARG A 230 -8.06 -0.38 10.34
N LEU A 231 -8.30 -1.30 11.29
CA LEU A 231 -9.29 -2.34 11.11
C LEU A 231 -9.72 -2.85 12.48
N GLU A 232 -10.59 -3.88 12.47
CA GLU A 232 -10.98 -4.53 13.71
C GLU A 232 -11.48 -5.95 13.45
N ARG A 233 -11.33 -6.78 14.50
CA ARG A 233 -11.86 -8.16 14.47
C ARG A 233 -12.40 -8.42 15.87
N ASP A 234 -13.70 -8.71 16.00
CA ASP A 234 -14.27 -9.09 17.28
C ASP A 234 -14.27 -7.88 18.24
N GLY A 235 -14.55 -6.68 17.69
CA GLY A 235 -14.65 -5.45 18.48
C GLY A 235 -13.31 -4.91 18.99
N ILE A 236 -12.18 -5.48 18.55
CA ILE A 236 -10.88 -4.95 18.94
C ILE A 236 -10.38 -4.13 17.76
N VAL A 237 -10.17 -2.83 17.98
CA VAL A 237 -9.73 -1.93 16.91
C VAL A 237 -8.22 -1.81 16.97
N VAL A 238 -7.59 -1.94 15.80
CA VAL A 238 -6.16 -1.84 15.59
C VAL A 238 -5.93 -0.66 14.67
N PHE A 239 -5.15 0.32 15.15
CA PHE A 239 -4.98 1.56 14.42
C PHE A 239 -3.74 2.34 14.90
N CYS A 240 -3.53 3.47 14.21
CA CYS A 240 -2.52 4.48 14.52
C CYS A 240 -3.22 5.76 14.96
N ASP A 241 -2.97 6.18 16.21
CA ASP A 241 -3.60 7.36 16.78
C ASP A 241 -2.78 8.58 16.38
N VAL A 242 -3.38 9.43 15.53
CA VAL A 242 -2.72 10.63 15.02
C VAL A 242 -3.46 11.88 15.47
N SER A 243 -4.17 11.80 16.61
CA SER A 243 -4.98 12.90 17.09
C SER A 243 -4.13 14.03 17.68
N MET A 244 -2.90 13.69 18.15
CA MET A 244 -1.97 14.68 18.69
C MET A 244 -0.85 14.92 17.70
N ASP A 245 -1.03 14.47 16.45
CA ASP A 245 -0.12 14.79 15.35
C ASP A 245 -0.61 16.09 14.71
N GLU A 246 0.31 17.05 14.50
CA GLU A 246 -0.02 18.34 13.90
C GLU A 246 0.52 18.43 12.47
N ASP A 247 1.73 17.88 12.23
CA ASP A 247 2.48 18.04 10.98
C ASP A 247 1.78 17.36 9.80
N LEU A 248 1.05 16.25 10.07
CA LEU A 248 0.36 15.50 9.04
C LEU A 248 -0.76 16.35 8.39
N PHE A 249 -1.34 17.29 9.15
CA PHE A 249 -2.50 18.04 8.70
C PHE A 249 -2.11 19.45 8.21
N THR A 250 -0.81 19.72 8.07
CA THR A 250 -0.33 21.03 7.63
C THR A 250 0.71 20.88 6.51
N GLY A 251 0.46 19.96 5.57
CA GLY A 251 1.16 19.94 4.29
C GLY A 251 0.26 20.50 3.18
N ASP A 252 0.86 20.84 2.03
CA ASP A 252 0.10 21.20 0.83
C ASP A 252 1.03 21.11 -0.38
N GLY A 253 0.54 21.57 -1.53
CA GLY A 253 1.25 21.46 -2.81
C GLY A 253 0.72 20.30 -3.65
N ASP A 254 0.14 19.30 -2.97
CA ASP A 254 -0.51 18.17 -3.62
C ASP A 254 -1.86 17.93 -2.93
N TYR A 255 -2.85 17.47 -3.71
CA TYR A 255 -4.18 17.18 -3.19
C TYR A 255 -4.13 16.07 -2.11
N GLN A 256 -3.03 15.31 -2.07
CA GLN A 256 -2.74 14.33 -1.01
C GLN A 256 -2.99 14.91 0.39
N PHE A 257 -2.45 16.11 0.66
CA PHE A 257 -2.38 16.68 2.00
C PHE A 257 -3.73 17.24 2.47
N ASP A 258 -4.68 17.38 1.53
CA ASP A 258 -6.05 17.74 1.85
C ASP A 258 -6.80 16.53 2.38
N ILE A 259 -6.46 15.32 1.88
CA ILE A 259 -7.17 14.13 2.30
C ILE A 259 -7.01 14.00 3.81
N TYR A 260 -5.80 14.30 4.33
CA TYR A 260 -5.49 14.15 5.75
C TYR A 260 -6.40 15.06 6.57
N ARG A 261 -6.64 16.28 6.06
CA ARG A 261 -7.52 17.21 6.75
C ARG A 261 -8.98 16.76 6.63
N LEU A 262 -9.38 16.20 5.47
CA LEU A 262 -10.76 15.77 5.26
C LEU A 262 -11.11 14.59 6.16
N MET A 263 -10.19 13.62 6.26
CA MET A 263 -10.34 12.49 7.17
C MET A 263 -10.55 13.00 8.59
N LYS A 264 -9.69 13.94 9.03
CA LYS A 264 -9.69 14.46 10.38
C LYS A 264 -11.00 15.19 10.68
N LYS A 265 -11.57 15.79 9.64
CA LYS A 265 -12.80 16.55 9.72
C LYS A 265 -13.98 15.57 9.77
N GLU A 266 -13.96 14.57 8.86
CA GLU A 266 -15.00 13.54 8.76
C GLU A 266 -15.08 12.72 10.06
N ASN A 267 -13.98 12.57 10.81
CA ASN A 267 -13.96 11.67 11.96
C ASN A 267 -13.79 12.40 13.29
N ASN A 268 -13.82 13.75 13.26
CA ASN A 268 -13.75 14.58 14.45
C ASN A 268 -12.50 14.25 15.28
N ASN A 269 -11.41 13.91 14.59
CA ASN A 269 -10.11 13.60 15.19
C ASN A 269 -10.17 12.40 16.14
N ARG A 270 -11.11 11.46 15.90
CA ARG A 270 -11.16 10.22 16.66
C ARG A 270 -10.85 9.05 15.74
N TRP A 271 -9.64 8.51 15.84
CA TRP A 271 -9.11 7.65 14.77
C TRP A 271 -9.43 6.16 14.99
N GLY A 272 -10.07 5.84 16.12
CA GLY A 272 -10.52 4.49 16.44
C GLY A 272 -11.77 4.14 15.67
N GLU A 273 -12.61 5.12 15.40
CA GLU A 273 -13.89 4.90 14.74
C GLU A 273 -13.68 4.41 13.31
N TYR A 274 -14.74 3.81 12.77
CA TYR A 274 -14.73 3.27 11.42
C TYR A 274 -15.43 4.27 10.50
N HIS A 275 -14.69 4.80 9.54
CA HIS A 275 -15.23 5.74 8.58
C HIS A 275 -14.70 5.34 7.20
N PRO A 276 -15.36 4.37 6.52
CA PRO A 276 -14.87 3.88 5.25
C PRO A 276 -14.95 4.94 4.16
N TYR A 277 -15.64 6.06 4.44
CA TYR A 277 -15.60 7.17 3.51
C TYR A 277 -14.14 7.51 3.15
N SER A 278 -13.20 7.30 4.09
CA SER A 278 -11.81 7.67 3.87
C SER A 278 -11.23 6.89 2.70
N ASN A 279 -11.73 5.66 2.46
CA ASN A 279 -11.34 4.89 1.29
C ASN A 279 -11.82 5.57 -0.01
N VAL A 280 -12.99 6.19 0.05
CA VAL A 280 -13.55 6.89 -1.11
C VAL A 280 -12.69 8.12 -1.39
N LEU A 281 -12.32 8.86 -0.36
CA LEU A 281 -11.48 10.07 -0.55
C LEU A 281 -10.20 9.68 -1.28
N TRP A 282 -9.55 8.59 -0.87
CA TRP A 282 -8.24 8.22 -1.47
C TRP A 282 -8.43 7.73 -2.90
N LEU A 283 -9.53 7.04 -3.18
CA LEU A 283 -9.80 6.56 -4.56
C LEU A 283 -10.08 7.77 -5.47
N HIS A 284 -10.68 8.83 -4.92
CA HIS A 284 -10.91 10.07 -5.69
C HIS A 284 -9.58 10.73 -6.01
N TYR A 285 -8.69 10.80 -5.02
CA TYR A 285 -7.34 11.36 -5.24
C TYR A 285 -6.66 10.59 -6.36
N LEU A 286 -6.81 9.27 -6.37
CA LEU A 286 -6.10 8.44 -7.37
C LEU A 286 -6.77 8.59 -8.74
N THR A 287 -8.09 8.71 -8.79
CA THR A 287 -8.80 8.94 -10.09
C THR A 287 -8.31 10.29 -10.63
N ASP A 288 -8.21 11.30 -9.77
CA ASP A 288 -7.69 12.62 -10.16
C ASP A 288 -6.32 12.45 -10.82
N LYS A 289 -5.43 11.71 -10.18
CA LYS A 289 -4.06 11.50 -10.71
C LYS A 289 -4.14 10.77 -12.06
N MET A 290 -5.00 9.77 -12.18
CA MET A 290 -5.19 9.11 -13.48
C MET A 290 -5.56 10.14 -14.56
N LEU A 291 -6.46 11.08 -14.22
CA LEU A 291 -6.98 12.00 -15.22
C LEU A 291 -6.06 13.18 -15.45
N LYS A 292 -5.15 13.51 -14.54
CA LYS A 292 -4.46 14.78 -14.67
C LYS A 292 -2.96 14.63 -14.75
N GLN A 293 -2.39 13.53 -14.25
CA GLN A 293 -0.94 13.48 -14.12
C GLN A 293 -0.34 12.24 -14.78
N MET A 294 -1.15 11.48 -15.54
CA MET A 294 -0.67 10.29 -16.22
C MET A 294 -0.62 10.57 -17.70
N THR A 295 0.36 9.96 -18.38
CA THR A 295 0.37 9.99 -19.83
C THR A 295 0.47 8.54 -20.32
N PHE A 296 -0.50 8.16 -21.14
CA PHE A 296 -0.67 6.80 -21.64
C PHE A 296 0.03 6.66 -22.98
N LYS A 297 0.55 5.47 -23.26
CA LYS A 297 1.33 5.20 -24.46
C LYS A 297 0.44 5.26 -25.71
N THR A 298 -0.79 4.73 -25.56
CA THR A 298 -1.85 4.93 -26.54
C THR A 298 -2.76 6.03 -26.02
N LYS A 299 -3.17 6.92 -26.91
CA LYS A 299 -4.08 8.03 -26.54
C LYS A 299 -5.52 7.62 -26.83
N CYS A 300 -6.48 8.28 -26.18
CA CYS A 300 -7.91 7.94 -26.36
C CYS A 300 -8.46 8.59 -27.62
N ASN A 301 -8.00 8.15 -28.80
CA ASN A 301 -8.40 8.81 -30.06
C ASN A 301 -9.30 7.85 -30.83
N THR A 302 -9.76 6.80 -30.17
CA THR A 302 -10.71 5.85 -30.80
C THR A 302 -12.05 6.01 -30.09
N PRO A 303 -13.21 5.83 -30.74
CA PRO A 303 -14.48 5.89 -30.01
C PRO A 303 -14.43 5.15 -28.68
N ALA A 304 -13.95 3.91 -28.66
CA ALA A 304 -14.02 3.07 -27.46
C ALA A 304 -13.19 3.63 -26.31
N MET A 305 -12.06 4.24 -26.62
CA MET A 305 -11.19 4.76 -25.57
C MET A 305 -11.74 6.09 -25.05
N LYS A 306 -12.32 6.93 -25.93
CA LYS A 306 -12.91 8.21 -25.50
C LYS A 306 -14.00 7.88 -24.49
N GLN A 307 -14.82 6.86 -24.81
CA GLN A 307 -15.88 6.39 -23.95
C GLN A 307 -15.36 6.03 -22.56
N ILE A 308 -14.24 5.32 -22.49
CA ILE A 308 -13.69 4.92 -21.20
C ILE A 308 -13.28 6.16 -20.40
N LYS A 309 -12.68 7.11 -21.11
CA LYS A 309 -12.29 8.39 -20.54
C LYS A 309 -13.49 9.10 -19.93
N ARG A 310 -14.61 9.13 -20.65
CA ARG A 310 -15.80 9.82 -20.16
C ARG A 310 -16.31 9.16 -18.87
N LYS A 311 -16.24 7.83 -18.78
CA LYS A 311 -16.77 7.12 -17.63
C LYS A 311 -15.89 7.35 -16.41
N ILE A 312 -14.58 7.49 -16.62
CA ILE A 312 -13.67 7.79 -15.51
C ILE A 312 -13.93 9.23 -15.05
N GLN A 313 -14.13 10.16 -15.99
CA GLN A 313 -14.46 11.53 -15.65
C GLN A 313 -15.78 11.60 -14.88
N GLU A 314 -16.74 10.75 -15.22
CA GLU A 314 -18.03 10.68 -14.56
C GLU A 314 -17.90 10.04 -13.18
N PHE A 315 -16.89 9.20 -12.99
CA PHE A 315 -16.61 8.52 -11.72
C PHE A 315 -15.98 9.53 -10.74
N HIS A 316 -14.97 10.23 -11.24
CA HIS A 316 -14.37 11.35 -10.53
C HIS A 316 -15.43 12.28 -9.95
N ARG A 317 -16.44 12.67 -10.74
CA ARG A 317 -17.27 13.75 -10.30
C ARG A 317 -18.44 13.23 -9.47
N THR A 318 -18.68 11.92 -9.40
CA THR A 318 -19.80 11.37 -8.66
C THR A 318 -19.40 10.52 -7.46
N MET A 319 -18.15 10.04 -7.42
CA MET A 319 -17.77 9.02 -6.44
C MET A 319 -17.82 9.55 -5.01
N LEU A 320 -17.58 10.84 -4.81
CA LEU A 320 -17.61 11.43 -3.48
C LEU A 320 -18.99 11.34 -2.83
N ASN A 321 -20.03 10.92 -3.57
CA ASN A 321 -21.38 10.78 -3.01
C ASN A 321 -21.66 9.32 -2.67
N PHE A 322 -20.61 8.56 -2.44
CA PHE A 322 -20.74 7.18 -2.03
C PHE A 322 -20.11 7.07 -0.66
N SER A 323 -20.60 6.13 0.16
CA SER A 323 -20.29 6.13 1.57
C SER A 323 -19.07 5.25 1.85
N SER A 324 -18.69 4.39 0.89
CA SER A 324 -17.60 3.44 1.08
C SER A 324 -17.13 2.90 -0.26
N ALA A 325 -16.02 2.16 -0.24
CA ALA A 325 -15.54 1.43 -1.41
C ALA A 325 -16.53 0.34 -1.80
N THR A 326 -17.14 -0.33 -0.80
CA THR A 326 -18.16 -1.33 -1.04
C THR A 326 -19.29 -0.73 -1.85
N ASP A 327 -19.77 0.44 -1.41
CA ASP A 327 -20.88 1.12 -2.04
C ASP A 327 -20.50 1.42 -3.49
N LEU A 328 -19.24 1.81 -3.72
CA LEU A 328 -18.78 2.18 -5.05
C LEU A 328 -18.76 0.98 -5.98
N LEU A 329 -18.25 -0.15 -5.46
CA LEU A 329 -18.08 -1.37 -6.24
C LEU A 329 -19.43 -1.96 -6.66
N CYS A 330 -20.38 -2.04 -5.72
CA CYS A 330 -21.69 -2.62 -5.96
C CYS A 330 -22.60 -1.68 -6.77
N GLN A 331 -22.47 -0.35 -6.61
CA GLN A 331 -23.50 0.57 -7.10
C GLN A 331 -23.01 1.48 -8.24
N HIS A 332 -21.71 1.75 -8.38
CA HIS A 332 -21.29 2.76 -9.35
C HIS A 332 -21.29 2.19 -10.77
N SER A 333 -21.78 3.01 -11.72
CA SER A 333 -21.96 2.59 -13.10
C SER A 333 -20.63 2.29 -13.80
N LEU A 334 -19.53 2.83 -13.30
CA LEU A 334 -18.23 2.56 -13.90
C LEU A 334 -17.95 1.05 -13.94
N PHE A 335 -18.43 0.32 -12.92
CA PHE A 335 -18.11 -1.09 -12.76
C PHE A 335 -19.22 -2.02 -13.24
N LYS A 336 -20.12 -1.55 -14.11
CA LYS A 336 -21.26 -2.34 -14.56
C LYS A 336 -21.12 -2.65 -16.05
#